data_4X3J
#
_entry.id   4X3J
#
_cell.length_a   62.456
_cell.length_b   62.456
_cell.length_c   178.450
_cell.angle_alpha   90.00
_cell.angle_beta   90.00
_cell.angle_gamma   90.00
#
_symmetry.space_group_name_H-M   'P 41 21 2'
#
loop_
_entity.id
_entity.type
_entity.pdbx_description
1 polymer 'Angiopoietin-1 receptor'
2 non-polymer 1-[4-(4-amino-5-oxopyrido[2,3-d]pyrimidin-8(5H)-yl)phenyl]-3-[2-fluoro-5-(trifluoromethyl)phenyl]urea
3 water water
#
_entity_poly.entity_id   1
_entity_poly.type   'polypeptide(L)'
_entity_poly.pdbx_seq_one_letter_code
;ALNRKVKNNPDPTIYPVLDWNDIKFQDVIGEGNFGQVLKARIKKDGLRMDAAIKRMKEYASKDDHRDFAGELEVLCKLGH
HPNIINLLGACEHRGYLYLAIEYAPHGNLLDFLRKSRVLETDPAFAIANSTASTLSSQQLLHFAADVARGMDYLSQKQFI
HRNLAARNILVGENYVAKIADFGLSRGQEVYVKKTMGRLPVRWMAIESLNYSVYTTNSDVWSYGVLLWEIVSLGGTPYCG
MTCAELYEKLPQGYRLEKPLNCDDEVYDLMRQCWREKPYERPSFAQILVSLNRMLEERKTYVNTTLYEKFTYAGIDCSAE
E
;
_entity_poly.pdbx_strand_id   A
#
# COMPACT_ATOMS: atom_id res chain seq x y z
N VAL A 37 16.86 -16.03 -2.58
CA VAL A 37 16.03 -15.80 -1.39
C VAL A 37 15.19 -17.05 -1.07
N LEU A 38 15.61 -17.77 -0.01
CA LEU A 38 14.98 -19.02 0.45
C LEU A 38 14.57 -18.99 1.92
N LYS A 39 13.46 -19.68 2.26
CA LYS A 39 12.92 -19.80 3.61
C LYS A 39 13.67 -20.90 4.42
N ALA A 40 14.19 -20.57 5.61
CA ALA A 40 14.90 -21.52 6.46
C ALA A 40 14.28 -21.61 7.88
N ARG A 41 15.01 -22.30 8.81
CA ARG A 41 14.60 -22.46 10.21
C ARG A 41 15.79 -22.35 11.16
N MET A 49 12.73 -20.69 14.99
CA MET A 49 12.36 -19.38 14.46
C MET A 49 12.34 -19.40 12.92
N ASP A 50 11.30 -18.77 12.34
CA ASP A 50 11.16 -18.66 10.89
C ASP A 50 11.99 -17.51 10.32
N ALA A 51 12.75 -17.80 9.25
CA ALA A 51 13.59 -16.81 8.56
C ALA A 51 13.50 -16.94 7.05
N ALA A 52 13.96 -15.90 6.36
CA ALA A 52 14.06 -15.81 4.90
C ALA A 52 15.48 -15.32 4.65
N ILE A 53 16.34 -16.20 4.14
CA ILE A 53 17.74 -15.89 3.92
C ILE A 53 17.98 -15.38 2.51
N LYS A 54 18.73 -14.28 2.38
CA LYS A 54 19.05 -13.65 1.10
C LYS A 54 20.23 -14.34 0.41
N GLU A 71 21.88 -3.15 2.39
CA GLU A 71 20.63 -3.16 3.14
C GLU A 71 20.79 -3.67 4.58
N LEU A 72 21.94 -4.32 4.87
CA LEU A 72 22.31 -4.90 6.17
C LEU A 72 22.21 -3.88 7.34
N GLU A 73 22.76 -2.66 7.16
CA GLU A 73 22.73 -1.60 8.16
C GLU A 73 21.30 -1.12 8.38
N VAL A 74 20.59 -0.84 7.28
CA VAL A 74 19.19 -0.37 7.21
C VAL A 74 18.24 -1.20 8.12
N LEU A 75 18.31 -2.53 8.02
CA LEU A 75 17.46 -3.44 8.78
C LEU A 75 17.77 -3.52 10.30
N CYS A 76 19.05 -3.33 10.68
CA CYS A 76 19.49 -3.33 12.08
C CYS A 76 19.20 -1.96 12.71
N LYS A 77 19.65 -0.86 12.05
CA LYS A 77 19.50 0.53 12.51
C LYS A 77 18.03 0.99 12.58
N LEU A 78 17.21 0.65 11.58
CA LEU A 78 15.78 1.00 11.60
C LEU A 78 15.05 -0.04 12.47
N GLY A 79 15.58 -0.17 13.69
CA GLY A 79 15.22 -1.03 14.82
C GLY A 79 14.31 -2.24 14.65
N HIS A 80 13.72 -2.63 15.76
CA HIS A 80 12.76 -3.73 15.81
C HIS A 80 11.36 -3.15 15.72
N HIS A 81 11.15 -2.12 14.83
CA HIS A 81 9.81 -1.55 14.65
C HIS A 81 8.88 -2.62 14.03
N PRO A 82 7.72 -2.90 14.67
CA PRO A 82 6.81 -3.95 14.16
C PRO A 82 6.32 -3.80 12.73
N ASN A 83 6.32 -2.59 12.17
CA ASN A 83 5.84 -2.33 10.79
C ASN A 83 6.97 -2.13 9.76
N ILE A 84 8.20 -2.48 10.13
CA ILE A 84 9.36 -2.45 9.26
C ILE A 84 9.98 -3.84 9.33
N ILE A 85 10.22 -4.46 8.17
CA ILE A 85 10.85 -5.79 8.16
C ILE A 85 12.20 -5.74 8.92
N ASN A 86 12.43 -6.72 9.80
CA ASN A 86 13.61 -6.82 10.65
C ASN A 86 14.63 -7.85 10.18
N LEU A 87 15.88 -7.67 10.63
CA LEU A 87 17.00 -8.57 10.41
C LEU A 87 17.07 -9.49 11.62
N LEU A 88 17.13 -10.80 11.36
CA LEU A 88 17.23 -11.83 12.38
C LEU A 88 18.69 -12.27 12.55
N LEU A 97 28.38 -13.57 1.48
CA LEU A 97 27.79 -13.15 2.74
C LEU A 97 26.35 -13.62 2.90
N TYR A 98 25.98 -14.01 4.13
CA TYR A 98 24.63 -14.47 4.48
C TYR A 98 23.97 -13.53 5.50
N LEU A 99 22.65 -13.29 5.34
CA LEU A 99 21.84 -12.43 6.20
C LEU A 99 20.37 -12.87 6.26
N ALA A 100 19.85 -13.07 7.48
CA ALA A 100 18.49 -13.52 7.72
C ALA A 100 17.54 -12.35 7.96
N ILE A 101 16.38 -12.36 7.27
CA ILE A 101 15.32 -11.36 7.37
C ILE A 101 14.16 -12.05 8.07
N GLU A 102 13.36 -11.30 8.86
CA GLU A 102 12.20 -11.88 9.52
C GLU A 102 11.21 -12.34 8.45
N TYR A 103 10.83 -13.63 8.54
CA TYR A 103 9.95 -14.24 7.57
C TYR A 103 8.52 -13.77 7.68
N ALA A 104 7.94 -13.42 6.52
CA ALA A 104 6.55 -13.02 6.36
C ALA A 104 5.81 -14.25 5.76
N PRO A 105 4.87 -14.89 6.49
CA PRO A 105 4.20 -16.08 5.95
C PRO A 105 3.08 -15.88 4.92
N HIS A 106 2.61 -14.62 4.74
CA HIS A 106 1.51 -14.33 3.82
C HIS A 106 1.97 -13.60 2.56
N GLY A 107 3.29 -13.57 2.39
CA GLY A 107 3.96 -12.92 1.26
C GLY A 107 3.71 -11.43 1.19
N ASN A 108 3.93 -10.85 0.00
CA ASN A 108 3.72 -9.42 -0.23
C ASN A 108 2.23 -9.04 -0.24
N LEU A 109 1.93 -7.78 0.13
CA LEU A 109 0.59 -7.22 0.22
C LEU A 109 -0.16 -7.21 -1.09
N LEU A 110 0.53 -6.90 -2.21
CA LEU A 110 -0.13 -6.85 -3.52
C LEU A 110 -0.78 -8.18 -3.89
N ASP A 111 -0.01 -9.29 -3.88
CA ASP A 111 -0.55 -10.60 -4.22
C ASP A 111 -1.62 -11.02 -3.25
N PHE A 112 -1.46 -10.63 -1.94
CA PHE A 112 -2.41 -10.97 -0.88
C PHE A 112 -3.77 -10.34 -1.14
N LEU A 113 -3.77 -9.05 -1.57
CA LEU A 113 -5.01 -8.31 -1.89
C LEU A 113 -5.71 -8.95 -3.08
N ARG A 114 -4.92 -9.44 -4.06
CA ARG A 114 -5.42 -10.09 -5.26
C ARG A 114 -5.96 -11.49 -4.99
N LYS A 115 -5.34 -12.21 -4.02
CA LYS A 115 -5.77 -13.55 -3.58
C LYS A 115 -7.10 -13.41 -2.86
N SER A 116 -7.34 -12.28 -2.19
CA SER A 116 -8.58 -12.02 -1.47
C SER A 116 -9.78 -11.82 -2.40
N ARG A 117 -9.55 -11.61 -3.73
CA ARG A 117 -10.61 -11.44 -4.73
C ARG A 117 -11.34 -12.77 -4.97
N VAL A 118 -12.17 -13.13 -3.99
CA VAL A 118 -12.88 -14.39 -3.82
C VAL A 118 -14.01 -14.61 -4.88
N LEU A 119 -14.39 -13.59 -5.68
CA LEU A 119 -15.39 -13.77 -6.72
C LEU A 119 -14.78 -14.55 -7.86
N GLU A 120 -13.47 -14.36 -8.08
CA GLU A 120 -12.73 -15.08 -9.12
C GLU A 120 -12.13 -16.39 -8.56
N THR A 121 -11.58 -16.36 -7.31
CA THR A 121 -11.02 -17.56 -6.66
C THR A 121 -12.10 -18.60 -6.29
N ASP A 122 -13.12 -18.20 -5.47
CA ASP A 122 -14.20 -19.11 -5.05
C ASP A 122 -15.59 -18.52 -5.33
N PRO A 123 -16.04 -18.48 -6.60
CA PRO A 123 -17.37 -17.91 -6.91
C PRO A 123 -18.54 -18.47 -6.08
N ALA A 124 -18.55 -19.77 -5.76
CA ALA A 124 -19.64 -20.34 -4.98
C ALA A 124 -19.70 -19.75 -3.56
N PHE A 125 -18.54 -19.63 -2.88
CA PHE A 125 -18.42 -19.05 -1.56
C PHE A 125 -18.72 -17.53 -1.63
N ALA A 126 -18.18 -16.85 -2.65
CA ALA A 126 -18.37 -15.41 -2.82
C ALA A 126 -19.86 -15.06 -2.93
N ILE A 127 -20.56 -15.64 -3.93
CA ILE A 127 -21.99 -15.43 -4.21
C ILE A 127 -22.86 -15.70 -2.96
N ALA A 128 -22.63 -16.86 -2.29
CA ALA A 128 -23.35 -17.26 -1.07
C ALA A 128 -23.12 -16.31 0.12
N ASN A 129 -21.96 -15.66 0.14
CA ASN A 129 -21.60 -14.78 1.25
C ASN A 129 -21.73 -13.29 0.87
N SER A 130 -22.11 -12.99 -0.40
CA SER A 130 -22.29 -11.65 -0.98
C SER A 130 -21.11 -10.77 -0.62
N THR A 131 -19.91 -11.21 -1.05
CA THR A 131 -18.63 -10.56 -0.79
C THR A 131 -17.69 -10.75 -1.96
N ALA A 132 -16.85 -9.75 -2.19
CA ALA A 132 -15.80 -9.71 -3.21
C ALA A 132 -14.44 -9.97 -2.53
N SER A 133 -14.37 -9.81 -1.21
CA SER A 133 -13.12 -10.02 -0.51
C SER A 133 -13.23 -10.82 0.76
N THR A 134 -12.24 -11.67 0.99
CA THR A 134 -12.06 -12.41 2.23
C THR A 134 -11.54 -11.44 3.31
N LEU A 135 -11.04 -10.26 2.89
CA LEU A 135 -10.59 -9.18 3.76
C LEU A 135 -11.72 -8.18 3.96
N SER A 136 -11.83 -7.62 5.16
CA SER A 136 -12.86 -6.64 5.48
C SER A 136 -12.27 -5.24 5.41
N SER A 137 -13.16 -4.20 5.45
CA SER A 137 -12.78 -2.79 5.50
C SER A 137 -11.86 -2.57 6.72
N GLN A 138 -12.25 -3.11 7.91
CA GLN A 138 -11.48 -3.03 9.15
C GLN A 138 -10.04 -3.53 8.90
N GLN A 139 -9.90 -4.75 8.33
CA GLN A 139 -8.62 -5.39 7.96
C GLN A 139 -7.85 -4.61 6.91
N LEU A 140 -8.55 -3.99 5.93
CA LEU A 140 -7.88 -3.24 4.87
C LEU A 140 -7.25 -1.96 5.37
N LEU A 141 -8.04 -1.17 6.14
CA LEU A 141 -7.54 0.09 6.71
C LEU A 141 -6.47 -0.17 7.77
N HIS A 142 -6.44 -1.40 8.36
CA HIS A 142 -5.43 -1.82 9.33
C HIS A 142 -4.08 -2.01 8.62
N PHE A 143 -4.10 -2.51 7.38
CA PHE A 143 -2.91 -2.61 6.57
C PHE A 143 -2.43 -1.19 6.25
N ALA A 144 -3.37 -0.31 5.83
CA ALA A 144 -3.07 1.11 5.57
C ALA A 144 -2.50 1.80 6.80
N ALA A 145 -3.07 1.55 7.98
CA ALA A 145 -2.66 2.13 9.26
C ALA A 145 -1.25 1.67 9.67
N ASP A 146 -0.96 0.36 9.45
CA ASP A 146 0.36 -0.23 9.70
C ASP A 146 1.44 0.44 8.83
N VAL A 147 1.17 0.63 7.50
CA VAL A 147 2.14 1.24 6.57
C VAL A 147 2.38 2.73 6.93
N ALA A 148 1.32 3.47 7.30
CA ALA A 148 1.41 4.87 7.70
C ALA A 148 2.25 5.01 8.98
N ARG A 149 2.10 4.03 9.91
CA ARG A 149 2.83 4.01 11.19
C ARG A 149 4.28 3.72 10.98
N GLY A 150 4.59 2.65 10.24
CA GLY A 150 5.98 2.30 9.92
C GLY A 150 6.68 3.43 9.19
N MET A 151 5.96 4.07 8.23
CA MET A 151 6.46 5.23 7.48
C MET A 151 6.71 6.41 8.36
N ASP A 152 5.87 6.62 9.37
CA ASP A 152 6.04 7.74 10.30
C ASP A 152 7.32 7.60 11.15
N TYR A 153 7.73 6.34 11.44
CA TYR A 153 8.98 6.02 12.15
C TYR A 153 10.15 6.30 11.19
N LEU A 154 9.97 6.00 9.89
CA LEU A 154 10.98 6.24 8.85
C LEU A 154 11.29 7.71 8.70
N SER A 155 10.25 8.57 8.59
CA SER A 155 10.34 10.04 8.55
C SER A 155 11.05 10.58 9.80
N GLN A 156 10.74 10.01 11.00
CA GLN A 156 11.33 10.37 12.29
C GLN A 156 12.85 10.10 12.25
N LYS A 157 13.23 8.95 11.64
CA LYS A 157 14.61 8.51 11.45
C LYS A 157 15.26 9.30 10.28
N GLN A 158 14.47 10.19 9.58
CA GLN A 158 14.90 11.03 8.44
C GLN A 158 15.29 10.17 7.19
N PHE A 159 14.70 8.97 7.13
CA PHE A 159 14.88 7.96 6.10
C PHE A 159 13.81 8.10 5.01
N ILE A 160 14.25 8.22 3.73
CA ILE A 160 13.37 8.32 2.56
C ILE A 160 13.41 6.95 1.88
N HIS A 161 12.23 6.30 1.74
CA HIS A 161 12.06 4.96 1.19
C HIS A 161 12.38 4.88 -0.31
N ARG A 162 11.78 5.77 -1.15
CA ARG A 162 11.91 5.89 -2.62
C ARG A 162 11.17 4.81 -3.41
N ASN A 163 10.61 3.79 -2.73
CA ASN A 163 9.98 2.65 -3.40
C ASN A 163 8.67 2.14 -2.74
N LEU A 164 7.82 3.05 -2.25
CA LEU A 164 6.56 2.62 -1.65
C LEU A 164 5.54 2.10 -2.68
N ALA A 165 5.24 0.82 -2.61
CA ALA A 165 4.27 0.14 -3.46
C ALA A 165 3.75 -1.06 -2.63
N ALA A 166 2.49 -1.50 -2.87
CA ALA A 166 1.89 -2.65 -2.17
C ALA A 166 2.79 -3.89 -2.26
N ARG A 167 3.49 -4.06 -3.43
CA ARG A 167 4.41 -5.15 -3.69
C ARG A 167 5.63 -5.14 -2.75
N ASN A 168 5.88 -4.00 -2.07
CA ASN A 168 6.99 -3.81 -1.13
C ASN A 168 6.58 -3.91 0.34
N ILE A 169 5.31 -4.22 0.60
CA ILE A 169 4.81 -4.42 1.94
C ILE A 169 4.64 -5.92 2.07
N LEU A 170 5.07 -6.47 3.19
CA LEU A 170 4.93 -7.89 3.48
C LEU A 170 3.84 -8.07 4.53
N VAL A 171 3.04 -9.11 4.40
CA VAL A 171 1.97 -9.39 5.38
C VAL A 171 2.58 -10.44 6.33
N GLY A 172 3.14 -9.98 7.44
CA GLY A 172 3.87 -10.83 8.36
C GLY A 172 3.05 -11.60 9.37
N GLU A 173 3.73 -12.01 10.45
CA GLU A 173 3.10 -12.74 11.57
C GLU A 173 1.96 -11.90 12.16
N ASN A 174 0.87 -12.57 12.53
CA ASN A 174 -0.33 -11.96 13.12
C ASN A 174 -1.02 -10.95 12.15
N TYR A 175 -0.67 -11.02 10.84
CA TYR A 175 -1.18 -10.16 9.77
C TYR A 175 -0.70 -8.68 9.89
N VAL A 176 0.48 -8.50 10.51
CA VAL A 176 1.09 -7.19 10.67
C VAL A 176 1.76 -6.81 9.34
N ALA A 177 1.37 -5.65 8.75
CA ALA A 177 1.94 -5.13 7.51
C ALA A 177 3.32 -4.61 7.77
N LYS A 178 4.29 -5.13 7.02
CA LYS A 178 5.69 -4.75 7.21
C LYS A 178 6.29 -4.11 5.97
N ILE A 179 6.87 -2.92 6.12
CA ILE A 179 7.56 -2.16 5.08
C ILE A 179 8.87 -2.86 4.76
N ALA A 180 9.11 -3.07 3.45
CA ALA A 180 10.31 -3.71 2.93
C ALA A 180 10.74 -3.00 1.63
N ASP A 181 11.86 -3.45 1.01
CA ASP A 181 12.39 -2.92 -0.24
C ASP A 181 13.27 -3.98 -0.92
N PHE A 182 12.65 -4.68 -1.88
CA PHE A 182 13.21 -5.79 -2.65
C PHE A 182 12.68 -5.81 -4.09
N GLY A 183 13.44 -6.46 -4.97
CA GLY A 183 13.10 -6.63 -6.38
C GLY A 183 13.53 -7.99 -6.94
N LEU A 199 12.17 1.53 -13.32
CA LEU A 199 11.67 2.69 -12.55
C LEU A 199 10.16 2.56 -12.27
N PRO A 200 9.73 2.74 -11.00
CA PRO A 200 8.31 2.55 -10.65
C PRO A 200 7.42 3.80 -10.88
N VAL A 201 7.31 4.22 -12.16
CA VAL A 201 6.59 5.40 -12.65
C VAL A 201 5.18 5.62 -12.02
N ARG A 202 4.37 4.58 -12.00
CA ARG A 202 2.99 4.56 -11.51
C ARG A 202 2.88 5.00 -10.02
N TRP A 203 3.97 4.84 -9.25
CA TRP A 203 4.07 5.20 -7.84
C TRP A 203 4.74 6.53 -7.54
N MET A 204 5.63 6.98 -8.44
CA MET A 204 6.43 8.19 -8.29
C MET A 204 5.69 9.50 -8.39
N ALA A 205 6.09 10.46 -7.53
CA ALA A 205 5.59 11.82 -7.51
C ALA A 205 6.13 12.55 -8.75
N ILE A 206 5.34 13.51 -9.32
CA ILE A 206 5.72 14.26 -10.53
C ILE A 206 7.19 14.76 -10.45
N GLU A 207 7.59 15.34 -9.29
CA GLU A 207 8.93 15.88 -9.05
C GLU A 207 10.03 14.81 -9.09
N SER A 208 9.71 13.53 -8.72
CA SER A 208 10.65 12.41 -8.80
C SER A 208 10.80 12.03 -10.29
N LEU A 209 9.67 12.01 -11.03
CA LEU A 209 9.66 11.68 -12.45
C LEU A 209 10.45 12.65 -13.30
N ASN A 210 10.34 13.95 -12.99
CA ASN A 210 10.94 15.02 -13.77
C ASN A 210 12.30 15.52 -13.27
N TYR A 211 12.55 15.48 -11.95
CA TYR A 211 13.77 16.05 -11.35
C TYR A 211 14.55 15.14 -10.41
N SER A 212 14.08 13.88 -10.21
CA SER A 212 14.69 12.89 -9.32
C SER A 212 14.78 13.44 -7.90
N VAL A 213 13.78 14.29 -7.48
CA VAL A 213 13.81 14.83 -6.12
C VAL A 213 12.90 13.94 -5.30
N TYR A 214 13.52 13.28 -4.31
CA TYR A 214 12.89 12.33 -3.41
C TYR A 214 12.92 12.86 -2.00
N THR A 215 11.77 12.78 -1.32
CA THR A 215 11.57 13.25 0.06
C THR A 215 10.51 12.37 0.73
N THR A 216 10.14 12.74 1.97
CA THR A 216 9.06 12.12 2.71
C THR A 216 7.78 12.53 1.96
N ASN A 217 7.73 13.80 1.46
CA ASN A 217 6.62 14.32 0.66
C ASN A 217 6.35 13.50 -0.59
N SER A 218 7.41 12.98 -1.27
CA SER A 218 7.27 12.12 -2.45
C SER A 218 6.89 10.69 -2.00
N ASP A 219 7.41 10.26 -0.83
CA ASP A 219 7.06 8.96 -0.22
C ASP A 219 5.57 8.95 0.15
N VAL A 220 5.01 10.12 0.52
CA VAL A 220 3.58 10.30 0.86
C VAL A 220 2.76 10.10 -0.43
N TRP A 221 3.29 10.64 -1.57
CA TRP A 221 2.64 10.45 -2.85
C TRP A 221 2.48 8.94 -3.14
N SER A 222 3.59 8.19 -3.11
CA SER A 222 3.64 6.75 -3.34
C SER A 222 2.80 5.97 -2.33
N TYR A 223 2.61 6.54 -1.12
CA TYR A 223 1.75 5.94 -0.10
C TYR A 223 0.29 6.03 -0.55
N GLY A 224 -0.09 7.13 -1.19
CA GLY A 224 -1.44 7.33 -1.71
C GLY A 224 -1.80 6.31 -2.78
N VAL A 225 -0.84 6.01 -3.67
CA VAL A 225 -0.99 5.03 -4.73
C VAL A 225 -1.11 3.67 -4.06
N LEU A 226 -0.31 3.45 -2.98
CA LEU A 226 -0.36 2.24 -2.18
C LEU A 226 -1.74 2.12 -1.51
N LEU A 227 -2.28 3.22 -0.93
CA LEU A 227 -3.60 3.26 -0.32
C LEU A 227 -4.66 2.87 -1.34
N TRP A 228 -4.51 3.38 -2.59
CA TRP A 228 -5.40 3.11 -3.71
C TRP A 228 -5.40 1.62 -4.04
N GLU A 229 -4.20 0.98 -4.02
CA GLU A 229 -4.00 -0.45 -4.29
C GLU A 229 -4.72 -1.29 -3.24
N ILE A 230 -4.65 -0.86 -1.94
CA ILE A 230 -5.31 -1.56 -0.84
C ILE A 230 -6.83 -1.56 -1.09
N VAL A 231 -7.42 -0.39 -1.33
CA VAL A 231 -8.86 -0.20 -1.56
C VAL A 231 -9.37 -1.00 -2.79
N SER A 232 -8.62 -0.95 -3.92
CA SER A 232 -8.96 -1.65 -5.17
C SER A 232 -8.60 -3.17 -5.19
N LEU A 233 -8.12 -3.70 -4.04
CA LEU A 233 -7.76 -5.11 -3.82
C LEU A 233 -6.63 -5.57 -4.77
N GLY A 234 -5.67 -4.66 -4.96
CA GLY A 234 -4.46 -4.85 -5.75
C GLY A 234 -4.61 -4.54 -7.23
N GLY A 235 -5.44 -3.56 -7.55
CA GLY A 235 -5.62 -3.14 -8.93
C GLY A 235 -4.38 -2.44 -9.43
N THR A 236 -4.05 -2.61 -10.72
CA THR A 236 -2.89 -1.91 -11.33
C THR A 236 -3.24 -0.40 -11.35
N PRO A 237 -2.38 0.51 -10.84
CA PRO A 237 -2.73 1.94 -10.91
C PRO A 237 -2.53 2.45 -12.31
N TYR A 238 -3.53 3.21 -12.79
CA TYR A 238 -3.58 3.80 -14.14
C TYR A 238 -3.67 2.64 -15.19
N CYS A 239 -4.52 1.61 -14.87
CA CYS A 239 -4.79 0.44 -15.70
C CYS A 239 -5.26 0.93 -17.06
N GLY A 240 -4.59 0.50 -18.13
CA GLY A 240 -4.91 0.92 -19.49
C GLY A 240 -3.99 2.00 -20.03
N MET A 241 -3.35 2.78 -19.13
CA MET A 241 -2.40 3.82 -19.52
C MET A 241 -0.96 3.29 -19.42
N THR A 242 -0.11 3.67 -20.39
CA THR A 242 1.31 3.27 -20.39
C THR A 242 2.09 4.13 -19.39
N CYS A 243 3.34 3.71 -19.05
CA CYS A 243 4.21 4.48 -18.14
C CYS A 243 4.54 5.83 -18.78
N ALA A 244 4.89 5.84 -20.08
CA ALA A 244 5.21 7.03 -20.88
C ALA A 244 4.09 8.09 -20.83
N GLU A 245 2.83 7.66 -21.08
CA GLU A 245 1.59 8.48 -21.04
C GLU A 245 1.52 9.37 -19.79
N LEU A 246 1.75 8.75 -18.61
CA LEU A 246 1.73 9.36 -17.29
C LEU A 246 2.64 10.57 -17.13
N TYR A 247 3.80 10.58 -17.84
CA TYR A 247 4.75 11.70 -17.81
C TYR A 247 4.10 12.97 -18.30
N GLU A 248 3.18 12.87 -19.27
CA GLU A 248 2.48 14.03 -19.83
C GLU A 248 1.17 14.31 -19.11
N LYS A 249 0.43 13.26 -18.75
CA LYS A 249 -0.88 13.33 -18.10
C LYS A 249 -0.85 13.83 -16.63
N LEU A 250 0.16 13.47 -15.81
CA LEU A 250 0.21 13.91 -14.39
C LEU A 250 0.49 15.42 -14.21
N PRO A 251 1.46 16.04 -14.92
CA PRO A 251 1.70 17.49 -14.72
C PRO A 251 0.48 18.38 -14.97
N GLN A 252 -0.44 17.94 -15.86
CA GLN A 252 -1.66 18.68 -16.17
C GLN A 252 -2.79 18.41 -15.15
N GLY A 253 -2.48 17.65 -14.09
CA GLY A 253 -3.40 17.37 -13.01
C GLY A 253 -4.19 16.10 -13.04
N TYR A 254 -3.82 15.13 -13.91
CA TYR A 254 -4.53 13.86 -13.93
C TYR A 254 -4.17 13.09 -12.68
N ARG A 255 -5.17 12.44 -12.07
CA ARG A 255 -5.05 11.61 -10.89
C ARG A 255 -5.96 10.39 -11.03
N LEU A 256 -5.70 9.35 -10.22
CA LEU A 256 -6.47 8.12 -10.13
C LEU A 256 -7.90 8.46 -9.72
N GLU A 257 -8.91 7.93 -10.45
CA GLU A 257 -10.35 8.13 -10.25
C GLU A 257 -10.81 7.54 -8.92
N LYS A 258 -11.94 8.05 -8.36
CA LYS A 258 -12.46 7.52 -7.10
C LYS A 258 -12.94 6.08 -7.24
N PRO A 259 -12.32 5.10 -6.53
CA PRO A 259 -12.80 3.71 -6.66
C PRO A 259 -14.27 3.59 -6.27
N LEU A 260 -15.02 2.72 -6.95
CA LEU A 260 -16.46 2.53 -6.75
C LEU A 260 -16.80 2.16 -5.30
N ASN A 261 -16.00 1.26 -4.72
CA ASN A 261 -16.13 0.70 -3.38
C ASN A 261 -15.51 1.57 -2.30
N CYS A 262 -15.10 2.79 -2.66
CA CYS A 262 -14.40 3.69 -1.77
C CYS A 262 -15.25 4.80 -1.19
N ASP A 263 -15.20 4.95 0.15
CA ASP A 263 -15.89 6.05 0.82
C ASP A 263 -15.12 7.33 0.43
N ASP A 264 -15.83 8.46 0.38
CA ASP A 264 -15.26 9.74 0.02
C ASP A 264 -14.09 10.17 0.93
N GLU A 265 -14.21 9.93 2.26
CA GLU A 265 -13.18 10.24 3.27
C GLU A 265 -11.84 9.54 2.99
N VAL A 266 -11.90 8.31 2.44
CA VAL A 266 -10.69 7.53 2.10
C VAL A 266 -10.03 8.09 0.81
N TYR A 267 -10.86 8.41 -0.22
CA TYR A 267 -10.38 8.99 -1.49
C TYR A 267 -9.83 10.40 -1.28
N ASP A 268 -10.48 11.22 -0.41
CA ASP A 268 -10.07 12.57 -0.06
C ASP A 268 -8.60 12.54 0.45
N LEU A 269 -8.31 11.55 1.33
CA LEU A 269 -7.02 11.22 1.94
C LEU A 269 -5.99 10.84 0.87
N MET A 270 -6.42 10.04 -0.16
CA MET A 270 -5.54 9.68 -1.29
C MET A 270 -5.22 10.93 -2.11
N ARG A 271 -6.24 11.78 -2.34
CA ARG A 271 -6.10 12.99 -3.13
C ARG A 271 -5.08 14.00 -2.55
N GLN A 272 -5.02 14.10 -1.21
CA GLN A 272 -4.10 14.97 -0.49
C GLN A 272 -2.67 14.48 -0.69
N CYS A 273 -2.47 13.15 -0.74
CA CYS A 273 -1.18 12.49 -0.95
C CYS A 273 -0.59 12.86 -2.34
N TRP A 274 -1.45 13.29 -3.30
CA TRP A 274 -1.01 13.61 -4.67
C TRP A 274 -1.11 15.08 -5.04
N ARG A 275 -0.99 15.98 -4.05
CA ARG A 275 -1.01 17.43 -4.33
C ARG A 275 0.29 17.79 -5.04
N GLU A 276 0.22 18.57 -6.15
CA GLU A 276 1.39 19.03 -6.92
C GLU A 276 2.45 19.66 -5.99
N LYS A 277 2.03 20.55 -5.04
CA LYS A 277 2.95 21.21 -4.12
C LYS A 277 3.34 20.19 -3.08
N PRO A 278 4.62 19.73 -3.04
CA PRO A 278 4.99 18.64 -2.10
C PRO A 278 4.65 18.94 -0.64
N TYR A 279 4.78 20.21 -0.20
CA TYR A 279 4.52 20.68 1.17
C TYR A 279 3.03 20.62 1.57
N GLU A 280 2.09 20.52 0.60
CA GLU A 280 0.64 20.45 0.87
C GLU A 280 0.12 19.04 1.19
N ARG A 281 0.93 18.02 0.92
CA ARG A 281 0.58 16.63 1.15
C ARG A 281 0.65 16.37 2.67
N PRO A 282 -0.21 15.52 3.26
CA PRO A 282 -0.13 15.32 4.73
C PRO A 282 1.14 14.63 5.23
N SER A 283 1.37 14.67 6.53
CA SER A 283 2.47 13.91 7.10
C SER A 283 1.95 12.47 7.26
N PHE A 284 2.85 11.50 7.47
CA PHE A 284 2.50 10.11 7.76
C PHE A 284 1.74 10.00 9.09
N ALA A 285 2.13 10.79 10.10
CA ALA A 285 1.47 10.88 11.40
C ALA A 285 0.03 11.38 11.26
N GLN A 286 -0.25 12.28 10.29
CA GLN A 286 -1.60 12.79 10.05
C GLN A 286 -2.42 11.70 9.41
N ILE A 287 -1.85 11.02 8.39
CA ILE A 287 -2.48 9.90 7.67
C ILE A 287 -2.90 8.81 8.68
N LEU A 288 -1.96 8.44 9.59
CA LEU A 288 -2.15 7.46 10.65
C LEU A 288 -3.32 7.84 11.54
N VAL A 289 -3.33 9.08 12.04
CA VAL A 289 -4.36 9.58 12.95
C VAL A 289 -5.75 9.53 12.26
N SER A 290 -5.79 9.96 10.99
CA SER A 290 -7.00 9.98 10.16
C SER A 290 -7.53 8.54 9.95
N LEU A 291 -6.64 7.56 9.68
CA LEU A 291 -7.00 6.15 9.51
C LEU A 291 -7.48 5.47 10.80
N ASN A 292 -6.86 5.84 11.93
CA ASN A 292 -7.22 5.32 13.26
C ASN A 292 -8.63 5.77 13.62
N ARG A 293 -8.99 7.02 13.26
CA ARG A 293 -10.28 7.65 13.49
C ARG A 293 -11.36 6.83 12.76
N MET A 294 -11.10 6.53 11.48
CA MET A 294 -11.98 5.71 10.65
C MET A 294 -12.14 4.31 11.23
N LEU A 295 -11.01 3.62 11.56
CA LEU A 295 -11.01 2.27 12.16
C LEU A 295 -11.79 2.18 13.45
N GLU A 296 -11.76 3.27 14.24
CA GLU A 296 -12.50 3.35 15.51
C GLU A 296 -14.02 3.54 15.32
N GLU A 297 -14.48 4.04 14.16
CA GLU A 297 -15.86 4.44 13.85
C GLU A 297 -16.97 3.38 13.91
N ARG A 298 -16.73 2.12 13.48
CA ARG A 298 -17.80 1.08 13.40
C ARG A 298 -18.82 1.54 12.31
N LYS A 299 -18.30 1.77 11.10
CA LYS A 299 -18.94 2.23 9.87
C LYS A 299 -17.97 1.78 8.79
N THR A 300 -18.48 1.20 7.69
CA THR A 300 -17.69 0.65 6.60
C THR A 300 -17.28 1.74 5.59
N TYR A 301 -15.97 1.86 5.37
CA TYR A 301 -15.34 2.81 4.46
C TYR A 301 -14.97 2.18 3.13
N VAL A 302 -14.65 0.87 3.15
CA VAL A 302 -14.36 0.13 1.92
C VAL A 302 -15.46 -0.90 1.74
N ASN A 303 -16.21 -0.81 0.64
CA ASN A 303 -17.26 -1.77 0.36
C ASN A 303 -16.65 -3.06 -0.21
N THR A 304 -17.01 -4.20 0.38
CA THR A 304 -16.59 -5.51 -0.10
C THR A 304 -17.79 -6.32 -0.53
N THR A 305 -19.02 -5.85 -0.17
CA THR A 305 -20.32 -6.44 -0.51
C THR A 305 -20.54 -6.53 -2.03
N LEU A 306 -21.06 -7.70 -2.49
CA LEU A 306 -21.39 -7.95 -3.89
C LEU A 306 -22.71 -7.28 -4.28
N TYR A 307 -22.78 -6.78 -5.52
CA TYR A 307 -23.97 -6.19 -6.13
C TYR A 307 -24.01 -6.64 -7.59
N GLU A 308 -25.08 -6.28 -8.33
CA GLU A 308 -25.28 -6.72 -9.72
C GLU A 308 -24.12 -6.31 -10.65
N LYS A 309 -23.96 -5.01 -10.92
CA LYS A 309 -22.90 -4.55 -11.84
C LYS A 309 -21.48 -4.52 -11.18
N PHE A 310 -21.24 -5.39 -10.15
CA PHE A 310 -19.93 -5.47 -9.47
C PHE A 310 -18.85 -6.00 -10.38
N THR A 311 -17.74 -5.26 -10.43
CA THR A 311 -16.54 -5.54 -11.20
C THR A 311 -15.33 -5.11 -10.35
N TYR A 312 -14.22 -5.85 -10.44
CA TYR A 312 -12.97 -5.50 -9.75
C TYR A 312 -12.17 -4.50 -10.61
N ALA A 313 -11.20 -3.78 -9.97
CA ALA A 313 -10.28 -2.89 -10.67
C ALA A 313 -9.31 -3.80 -11.42
N GLY A 314 -9.05 -3.50 -12.68
CA GLY A 314 -8.20 -4.35 -13.51
C GLY A 314 -6.75 -4.48 -13.09
N ILE A 315 -6.13 -5.58 -13.56
CA ILE A 315 -4.70 -5.97 -13.44
C ILE A 315 -4.19 -6.16 -14.90
N ASP A 316 -2.91 -5.79 -15.18
CA ASP A 316 -2.23 -5.84 -16.50
C ASP A 316 -2.70 -4.70 -17.45
#